data_4CV2
#
_entry.id   4CV2
#
_cell.length_a   80.108
_cell.length_b   80.108
_cell.length_c   320.186
_cell.angle_alpha   90.00
_cell.angle_beta   90.00
_cell.angle_gamma   120.00
#
_symmetry.space_group_name_H-M   'P 61 2 2'
#
loop_
_entity.id
_entity.type
_entity.pdbx_description
1 polymer 'ENOYL-[ACYL-CARRIER-PROTEIN] REDUCTASE [NADH]'
2 non-polymer '1,4-DIHYDRONICOTINAMIDE ADENINE DINUCLEOTIDE'
3 non-polymer 1-(3-amino-2-methylbenzyl)-4-[2-(thiophen-2-yl)ethoxy]pyridin-2(1H)-one
4 water water
#
_entity_poly.entity_id   1
_entity_poly.type   'polypeptide(L)'
_entity_poly.pdbx_seq_one_letter_code
;MGFLSGKRILVTGVASKLSIAYGIAQAMHREGAELAFTYQNDKLKGRVEEFAAQLGSDIVLQCDVAEDASIDTMFAELGK
VWPKFDGFVHSIGFAPGDQLDGDYVNAVTREGFKIAHDISSYSFVAMAKACRSMLNPGSALLTLSYLGAERAIPNYNVMG
LAKASLEANVRYMANAMGPEGVRVNAISAGPIRTLAASGIKDFRKMLAHCEAVTPIRRTVTIEDVGNSAAFLCSDLSAGI
SGEVVHVDGGFSIAAMNELELKLEHHHHHH
;
_entity_poly.pdbx_strand_id   A,B
#
# COMPACT_ATOMS: atom_id res chain seq x y z
N GLY A 2 -22.04 21.56 20.35
CA GLY A 2 -21.36 20.27 20.63
C GLY A 2 -19.86 20.38 20.35
N PHE A 3 -19.19 19.24 20.28
CA PHE A 3 -17.73 19.26 20.36
C PHE A 3 -17.08 19.55 18.99
N LEU A 4 -17.91 19.83 17.98
CA LEU A 4 -17.48 20.30 16.67
C LEU A 4 -17.93 21.73 16.30
N SER A 5 -18.57 22.42 17.24
CA SER A 5 -19.09 23.76 16.96
C SER A 5 -17.93 24.68 16.61
N GLY A 6 -18.07 25.42 15.52
CA GLY A 6 -16.95 26.25 15.10
C GLY A 6 -16.22 25.70 13.89
N LYS A 7 -16.42 24.40 13.63
CA LYS A 7 -15.60 23.67 12.64
C LYS A 7 -16.37 23.64 11.34
N ARG A 8 -15.64 23.70 10.23
CA ARG A 8 -16.25 23.53 8.91
C ARG A 8 -15.57 22.32 8.24
N ILE A 9 -16.32 21.26 7.97
CA ILE A 9 -15.77 19.98 7.53
C ILE A 9 -16.41 19.56 6.20
N LEU A 10 -15.61 19.19 5.22
CA LEU A 10 -16.10 18.70 3.93
C LEU A 10 -16.19 17.17 3.97
N VAL A 11 -17.29 16.60 3.48
CA VAL A 11 -17.60 15.18 3.64
C VAL A 11 -17.75 14.66 2.22
N THR A 12 -16.85 13.73 1.85
CA THR A 12 -16.96 13.05 0.55
C THR A 12 -17.71 11.75 0.75
N GLY A 13 -18.15 11.13 -0.33
CA GLY A 13 -18.48 9.68 -0.32
C GLY A 13 -19.90 9.32 0.08
N VAL A 14 -20.78 10.30 0.25
CA VAL A 14 -22.19 10.01 0.49
C VAL A 14 -22.82 9.50 -0.81
N ALA A 15 -23.30 8.25 -0.80
CA ALA A 15 -23.94 7.68 -2.02
C ALA A 15 -25.34 7.15 -1.73
N SER A 16 -25.62 6.90 -0.44
CA SER A 16 -26.90 6.36 0.04
C SER A 16 -26.96 6.48 1.55
N LYS A 17 -28.14 6.28 2.14
CA LYS A 17 -28.35 6.25 3.60
C LYS A 17 -27.48 5.22 4.33
N LEU A 18 -26.97 4.25 3.58
CA LEU A 18 -26.14 3.19 4.15
C LEU A 18 -24.64 3.54 4.13
N SER A 19 -24.27 4.60 3.42
CA SER A 19 -22.88 5.03 3.33
C SER A 19 -22.28 5.30 4.71
N ILE A 20 -21.03 4.89 4.92
CA ILE A 20 -20.35 5.32 6.15
C ILE A 20 -20.34 6.83 6.29
N ALA A 21 -20.10 7.54 5.17
CA ALA A 21 -20.06 9.00 5.16
C ALA A 21 -21.38 9.63 5.62
N TYR A 22 -22.49 8.96 5.33
CA TYR A 22 -23.78 9.39 5.86
C TYR A 22 -23.79 9.38 7.39
N GLY A 23 -23.40 8.25 7.98
CA GLY A 23 -23.23 8.13 9.43
C GLY A 23 -22.29 9.18 10.00
N ILE A 24 -21.17 9.41 9.30
CA ILE A 24 -20.23 10.44 9.76
C ILE A 24 -20.82 11.86 9.74
N ALA A 25 -21.52 12.16 8.65
CA ALA A 25 -22.13 13.48 8.47
C ALA A 25 -23.20 13.74 9.53
N GLN A 26 -23.99 12.71 9.86
CA GLN A 26 -25.03 12.85 10.89
C GLN A 26 -24.46 13.11 12.27
N ALA A 27 -23.42 12.36 12.61
CA ALA A 27 -22.75 12.59 13.89
C ALA A 27 -22.12 13.97 13.94
N MET A 28 -21.47 14.40 12.86
CA MET A 28 -20.73 15.67 12.92
C MET A 28 -21.70 16.83 12.99
N HIS A 29 -22.83 16.68 12.32
CA HIS A 29 -23.87 17.71 12.37
C HIS A 29 -24.51 17.80 13.78
N ARG A 30 -24.77 16.64 14.37
CA ARG A 30 -25.24 16.60 15.76
C ARG A 30 -24.30 17.35 16.69
N GLU A 31 -22.99 17.19 16.49
CA GLU A 31 -21.98 17.88 17.33
C GLU A 31 -21.61 19.29 16.89
N GLY A 32 -22.36 19.82 15.93
CA GLY A 32 -22.38 21.28 15.65
C GLY A 32 -21.47 21.77 14.54
N ALA A 33 -20.89 20.85 13.79
CA ALA A 33 -20.07 21.15 12.62
C ALA A 33 -20.92 21.79 11.55
N GLU A 34 -20.34 22.73 10.81
CA GLU A 34 -20.95 23.13 9.55
C GLU A 34 -20.38 22.23 8.46
N LEU A 35 -21.26 21.71 7.63
CA LEU A 35 -20.85 20.72 6.62
C LEU A 35 -20.97 21.20 5.15
N ALA A 36 -20.05 20.71 4.32
CA ALA A 36 -20.12 20.69 2.86
C ALA A 36 -19.94 19.28 2.33
N PHE A 37 -20.47 19.03 1.13
CA PHE A 37 -20.50 17.66 0.57
C PHE A 37 -20.02 17.65 -0.88
N THR A 38 -19.39 16.54 -1.28
CA THR A 38 -19.11 16.31 -2.69
C THR A 38 -19.98 15.16 -3.18
N TYR A 39 -20.16 15.08 -4.49
CA TYR A 39 -20.82 13.92 -5.11
C TYR A 39 -20.00 13.51 -6.33
N GLN A 40 -19.95 12.22 -6.62
CA GLN A 40 -19.03 11.74 -7.64
C GLN A 40 -19.51 12.17 -9.03
N ASN A 41 -20.82 12.01 -9.25
CA ASN A 41 -21.33 12.11 -10.61
C ASN A 41 -22.80 12.55 -10.62
N ASP A 42 -23.37 12.68 -11.81
CA ASP A 42 -24.75 13.12 -11.94
C ASP A 42 -25.77 12.16 -11.33
N LYS A 43 -25.47 10.86 -11.32
CA LYS A 43 -26.32 9.86 -10.69
C LYS A 43 -26.57 10.18 -9.21
N LEU A 44 -25.51 10.60 -8.52
CA LEU A 44 -25.58 10.78 -7.08
C LEU A 44 -25.98 12.20 -6.63
N LYS A 45 -26.04 13.17 -7.56
CA LYS A 45 -26.20 14.57 -7.15
C LYS A 45 -27.45 14.80 -6.30
N GLY A 46 -28.61 14.32 -6.75
CA GLY A 46 -29.87 14.66 -6.09
C GLY A 46 -29.94 14.10 -4.69
N ARG A 47 -29.44 12.88 -4.53
CA ARG A 47 -29.42 12.25 -3.21
CA ARG A 47 -29.36 12.21 -3.23
C ARG A 47 -28.57 13.04 -2.24
N VAL A 48 -27.37 13.43 -2.67
CA VAL A 48 -26.49 14.23 -1.82
C VAL A 48 -27.07 15.63 -1.55
N GLU A 49 -27.70 16.29 -2.54
CA GLU A 49 -28.40 17.56 -2.24
C GLU A 49 -29.48 17.43 -1.19
N GLU A 50 -30.29 16.37 -1.23
CA GLU A 50 -31.39 16.17 -0.28
CA GLU A 50 -31.38 16.19 -0.27
C GLU A 50 -30.81 15.96 1.12
N PHE A 51 -29.74 15.16 1.21
CA PHE A 51 -29.12 14.95 2.51
CA PHE A 51 -29.07 14.95 2.48
C PHE A 51 -28.43 16.21 3.04
N ALA A 52 -27.60 16.86 2.23
CA ALA A 52 -27.06 18.17 2.63
C ALA A 52 -28.16 19.11 3.16
N ALA A 53 -29.26 19.28 2.43
CA ALA A 53 -30.36 20.14 2.91
C ALA A 53 -30.89 19.74 4.29
N GLN A 54 -31.06 18.43 4.53
CA GLN A 54 -31.54 17.97 5.83
C GLN A 54 -30.55 18.27 6.95
N LEU A 55 -29.28 18.43 6.63
CA LEU A 55 -28.29 18.77 7.66
C LEU A 55 -27.97 20.26 7.64
N GLY A 56 -28.82 21.04 6.97
CA GLY A 56 -28.73 22.51 6.95
C GLY A 56 -27.64 23.08 6.07
N SER A 57 -27.14 22.28 5.12
CA SER A 57 -26.08 22.73 4.22
C SER A 57 -26.62 22.97 2.80
N ASP A 58 -26.07 23.97 2.12
CA ASP A 58 -26.31 24.01 0.68
C ASP A 58 -25.03 24.09 -0.14
N ILE A 59 -23.96 23.49 0.39
CA ILE A 59 -22.70 23.42 -0.32
C ILE A 59 -22.53 21.97 -0.79
N VAL A 60 -22.79 21.74 -2.07
CA VAL A 60 -22.84 20.40 -2.64
C VAL A 60 -22.15 20.52 -4.01
N LEU A 61 -20.98 19.89 -4.14
CA LEU A 61 -20.09 20.19 -5.28
C LEU A 61 -19.65 18.91 -5.96
N GLN A 62 -19.51 18.96 -7.28
CA GLN A 62 -19.08 17.75 -7.99
C GLN A 62 -17.57 17.52 -7.79
N CYS A 63 -17.20 16.25 -7.62
CA CYS A 63 -15.79 15.83 -7.52
C CYS A 63 -15.58 14.35 -7.86
N ASP A 64 -14.91 14.10 -8.99
CA ASP A 64 -14.40 12.80 -9.36
C ASP A 64 -12.90 12.75 -9.08
N VAL A 65 -12.50 11.98 -8.06
CA VAL A 65 -11.12 12.03 -7.61
C VAL A 65 -10.14 11.30 -8.55
N ALA A 66 -10.66 10.75 -9.65
CA ALA A 66 -9.85 10.22 -10.74
C ALA A 66 -9.17 11.33 -11.57
N GLU A 67 -9.68 12.55 -11.45
CA GLU A 67 -9.26 13.68 -12.27
CA GLU A 67 -9.21 13.66 -12.28
C GLU A 67 -8.71 14.82 -11.42
N ASP A 68 -7.44 15.16 -11.61
CA ASP A 68 -6.81 16.29 -10.93
C ASP A 68 -7.59 17.58 -11.22
N ALA A 69 -8.07 17.79 -12.44
CA ALA A 69 -8.81 19.02 -12.74
C ALA A 69 -10.11 19.07 -11.93
N SER A 70 -10.78 17.93 -11.79
CA SER A 70 -12.02 17.86 -10.99
C SER A 70 -11.82 18.25 -9.53
N ILE A 71 -10.77 17.74 -8.91
CA ILE A 71 -10.46 18.10 -7.53
C ILE A 71 -10.11 19.58 -7.41
N ASP A 72 -9.30 20.09 -8.34
CA ASP A 72 -8.97 21.54 -8.31
C ASP A 72 -10.19 22.44 -8.45
N THR A 73 -11.07 22.08 -9.39
CA THR A 73 -12.26 22.89 -9.66
C THR A 73 -13.20 22.86 -8.46
N MET A 74 -13.31 21.70 -7.82
CA MET A 74 -14.13 21.57 -6.63
C MET A 74 -13.58 22.46 -5.51
N PHE A 75 -12.26 22.44 -5.28
CA PHE A 75 -11.71 23.30 -4.21
C PHE A 75 -11.77 24.81 -4.54
N ALA A 76 -11.73 25.18 -5.82
CA ALA A 76 -12.00 26.60 -6.16
C ALA A 76 -13.45 27.00 -5.89
N GLU A 77 -14.40 26.13 -6.27
CA GLU A 77 -15.79 26.38 -5.89
C GLU A 77 -15.99 26.45 -4.38
N LEU A 78 -15.34 25.54 -3.64
CA LEU A 78 -15.47 25.62 -2.17
C LEU A 78 -14.91 26.92 -1.59
N GLY A 79 -13.78 27.38 -2.14
CA GLY A 79 -13.10 28.59 -1.66
C GLY A 79 -13.93 29.86 -1.80
N LYS A 80 -14.93 29.83 -2.67
CA LYS A 80 -15.90 30.92 -2.82
C LYS A 80 -16.81 31.08 -1.59
N VAL A 81 -17.08 29.99 -0.87
CA VAL A 81 -17.91 30.06 0.35
C VAL A 81 -17.11 29.80 1.65
N TRP A 82 -16.11 28.93 1.56
CA TRP A 82 -15.21 28.58 2.66
C TRP A 82 -13.78 28.90 2.26
N PRO A 83 -13.36 30.17 2.41
CA PRO A 83 -11.98 30.45 1.98
C PRO A 83 -10.94 29.68 2.81
N LYS A 84 -11.26 29.40 4.07
CA LYS A 84 -10.52 28.42 4.87
C LYS A 84 -11.50 27.46 5.55
N PHE A 85 -11.06 26.25 5.85
CA PHE A 85 -11.91 25.29 6.54
C PHE A 85 -11.02 24.35 7.34
N ASP A 86 -11.63 23.41 8.04
CA ASP A 86 -10.95 22.69 9.12
C ASP A 86 -10.74 21.22 8.87
N GLY A 87 -10.84 20.82 7.59
CA GLY A 87 -10.40 19.48 7.14
C GLY A 87 -11.49 18.76 6.38
N PHE A 88 -11.32 17.45 6.15
CA PHE A 88 -12.25 16.67 5.33
C PHE A 88 -12.25 15.18 5.68
N VAL A 89 -13.35 14.51 5.32
CA VAL A 89 -13.57 13.10 5.53
C VAL A 89 -13.51 12.47 4.13
N HIS A 90 -12.50 11.62 3.95
CA HIS A 90 -12.28 10.89 2.68
C HIS A 90 -12.94 9.54 2.88
N SER A 91 -14.08 9.30 2.23
CA SER A 91 -14.84 8.09 2.42
C SER A 91 -15.09 7.55 1.00
N ILE A 92 -14.01 7.27 0.30
CA ILE A 92 -14.03 6.99 -1.13
C ILE A 92 -13.20 5.74 -1.28
N GLY A 93 -13.78 4.65 -1.81
CA GLY A 93 -13.04 3.44 -2.15
C GLY A 93 -13.66 2.81 -3.39
N PHE A 94 -12.83 2.17 -4.21
CA PHE A 94 -13.28 1.44 -5.41
C PHE A 94 -12.21 0.45 -5.83
N ALA A 95 -12.65 -0.75 -6.23
CA ALA A 95 -11.87 -1.65 -7.08
C ALA A 95 -12.84 -2.29 -8.06
N PRO A 96 -12.43 -2.49 -9.33
CA PRO A 96 -13.37 -3.16 -10.25
C PRO A 96 -13.85 -4.52 -9.73
N GLY A 97 -15.12 -4.84 -9.99
CA GLY A 97 -15.72 -6.02 -9.38
C GLY A 97 -14.96 -7.30 -9.72
N ASP A 98 -14.42 -7.35 -10.93
CA ASP A 98 -13.62 -8.53 -11.38
C ASP A 98 -12.39 -8.85 -10.50
N GLN A 99 -11.93 -7.84 -9.76
CA GLN A 99 -10.79 -8.00 -8.84
C GLN A 99 -11.13 -8.85 -7.59
N LEU A 100 -12.43 -8.96 -7.28
CA LEU A 100 -12.89 -9.43 -5.98
C LEU A 100 -13.38 -10.87 -6.04
N ASP A 101 -13.10 -11.52 -7.15
CA ASP A 101 -13.70 -12.82 -7.44
C ASP A 101 -12.67 -13.94 -7.28
N GLY A 102 -12.58 -14.53 -6.10
CA GLY A 102 -11.85 -15.79 -5.92
C GLY A 102 -10.36 -15.59 -5.68
N ASP A 103 -9.55 -16.61 -6.01
CA ASP A 103 -8.11 -16.59 -5.77
C ASP A 103 -7.46 -15.25 -6.14
N TYR A 104 -6.71 -14.66 -5.21
CA TYR A 104 -6.16 -13.31 -5.37
C TYR A 104 -5.18 -13.26 -6.56
N VAL A 105 -4.26 -14.22 -6.69
CA VAL A 105 -3.23 -14.14 -7.73
C VAL A 105 -3.88 -14.21 -9.14
N ASN A 106 -4.88 -15.06 -9.30
CA ASN A 106 -5.63 -15.16 -10.55
C ASN A 106 -6.51 -13.95 -10.85
N ALA A 107 -7.11 -13.32 -9.82
CA ALA A 107 -8.05 -12.20 -10.08
C ALA A 107 -7.31 -10.91 -10.41
N VAL A 108 -6.15 -10.68 -9.79
CA VAL A 108 -5.53 -9.35 -9.91
C VAL A 108 -5.02 -9.15 -11.33
N THR A 109 -5.09 -7.90 -11.83
CA THR A 109 -4.46 -7.51 -13.09
C THR A 109 -3.81 -6.15 -12.88
N ARG A 110 -2.92 -5.78 -13.78
CA ARG A 110 -2.23 -4.50 -13.66
C ARG A 110 -3.21 -3.32 -13.57
N GLU A 111 -4.18 -3.30 -14.49
CA GLU A 111 -5.23 -2.27 -14.52
C GLU A 111 -6.12 -2.26 -13.28
N GLY A 112 -6.55 -3.43 -12.80
CA GLY A 112 -7.35 -3.48 -11.57
C GLY A 112 -6.56 -2.97 -10.37
N PHE A 113 -5.28 -3.32 -10.34
CA PHE A 113 -4.35 -2.86 -9.29
C PHE A 113 -4.23 -1.35 -9.37
N LYS A 114 -4.00 -0.85 -10.58
CA LYS A 114 -3.81 0.59 -10.81
CA LYS A 114 -3.80 0.59 -10.77
C LYS A 114 -5.00 1.38 -10.30
N ILE A 115 -6.18 0.99 -10.77
CA ILE A 115 -7.43 1.65 -10.39
C ILE A 115 -7.72 1.64 -8.88
N ALA A 116 -7.59 0.47 -8.26
CA ALA A 116 -7.86 0.33 -6.84
C ALA A 116 -6.93 1.20 -6.02
N HIS A 117 -5.65 1.24 -6.38
CA HIS A 117 -4.72 2.16 -5.69
C HIS A 117 -4.96 3.64 -5.96
N ASP A 118 -5.18 4.00 -7.21
CA ASP A 118 -5.45 5.37 -7.61
C ASP A 118 -6.65 5.96 -6.87
N ILE A 119 -7.79 5.25 -6.91
CA ILE A 119 -9.01 5.77 -6.31
C ILE A 119 -9.03 5.61 -4.80
N SER A 120 -8.48 4.51 -4.29
CA SER A 120 -8.64 4.21 -2.86
C SER A 120 -7.52 4.76 -1.99
N SER A 121 -6.38 5.06 -2.59
CA SER A 121 -5.24 5.55 -1.82
C SER A 121 -4.72 6.90 -2.29
N TYR A 122 -4.34 7.02 -3.56
CA TYR A 122 -3.78 8.27 -4.09
C TYR A 122 -4.75 9.45 -3.87
N SER A 123 -6.04 9.24 -4.15
CA SER A 123 -7.02 10.33 -4.03
C SER A 123 -7.01 11.02 -2.67
N PHE A 124 -6.62 10.34 -1.59
CA PHE A 124 -6.59 11.00 -0.29
C PHE A 124 -5.53 12.10 -0.31
N VAL A 125 -4.31 11.80 -0.78
CA VAL A 125 -3.29 12.86 -0.76
C VAL A 125 -3.53 13.88 -1.87
N ALA A 126 -4.18 13.46 -2.96
CA ALA A 126 -4.50 14.38 -4.06
C ALA A 126 -5.39 15.51 -3.53
N MET A 127 -6.40 15.14 -2.74
CA MET A 127 -7.28 16.09 -2.07
C MET A 127 -6.53 17.01 -1.11
N ALA A 128 -5.62 16.44 -0.32
CA ALA A 128 -4.80 17.24 0.59
C ALA A 128 -3.88 18.22 -0.15
N LYS A 129 -3.27 17.78 -1.27
CA LYS A 129 -2.48 18.70 -2.10
C LYS A 129 -3.34 19.89 -2.53
N ALA A 130 -4.56 19.59 -2.98
CA ALA A 130 -5.42 20.53 -3.69
C ALA A 130 -5.97 21.64 -2.77
N CYS A 131 -6.00 21.38 -1.46
CA CYS A 131 -6.58 22.34 -0.50
C CYS A 131 -5.61 22.79 0.60
N ARG A 132 -4.32 22.47 0.47
CA ARG A 132 -3.42 22.55 1.63
C ARG A 132 -3.39 23.94 2.23
N SER A 133 -3.35 24.97 1.38
CA SER A 133 -3.28 26.35 1.88
C SER A 133 -4.63 26.85 2.42
N MET A 134 -5.69 26.07 2.20
CA MET A 134 -7.00 26.40 2.74
C MET A 134 -7.21 25.93 4.18
N LEU A 135 -6.38 25.02 4.68
CA LEU A 135 -6.61 24.35 5.98
C LEU A 135 -6.21 25.23 7.17
N ASN A 136 -7.11 25.44 8.12
CA ASN A 136 -6.77 26.19 9.33
C ASN A 136 -5.78 25.44 10.19
N PRO A 137 -4.99 26.18 11.00
CA PRO A 137 -4.32 25.41 12.05
C PRO A 137 -5.40 24.76 12.92
N GLY A 138 -5.09 23.54 13.37
CA GLY A 138 -6.01 22.66 14.07
C GLY A 138 -6.89 21.83 13.16
N SER A 139 -6.68 21.88 11.86
CA SER A 139 -7.42 20.98 10.93
C SER A 139 -7.18 19.47 11.14
N ALA A 140 -8.15 18.66 10.71
CA ALA A 140 -7.99 17.22 10.79
C ALA A 140 -8.50 16.59 9.51
N LEU A 141 -7.74 15.67 8.93
CA LEU A 141 -8.21 14.86 7.80
C LEU A 141 -8.45 13.42 8.25
N LEU A 142 -9.43 12.75 7.65
CA LEU A 142 -9.71 11.40 8.09
C LEU A 142 -9.99 10.58 6.84
N THR A 143 -9.58 9.33 6.86
CA THR A 143 -9.95 8.38 5.80
C THR A 143 -10.44 7.07 6.43
N LEU A 144 -11.09 6.20 5.65
CA LEU A 144 -11.61 4.92 6.16
C LEU A 144 -10.81 3.76 5.55
N SER A 145 -10.36 2.85 6.40
CA SER A 145 -9.63 1.67 5.94
C SER A 145 -10.28 0.43 6.51
N TYR A 146 -9.69 -0.74 6.28
CA TYR A 146 -10.32 -2.01 6.66
C TYR A 146 -9.19 -2.99 6.96
N LEU A 147 -9.48 -3.98 7.81
CA LEU A 147 -8.55 -5.03 8.26
C LEU A 147 -7.85 -5.76 7.12
N GLY A 148 -8.41 -5.73 5.90
CA GLY A 148 -7.75 -6.28 4.71
C GLY A 148 -6.39 -5.67 4.44
N ALA A 149 -6.14 -4.48 4.99
CA ALA A 149 -4.84 -3.85 4.84
C ALA A 149 -3.73 -4.65 5.52
N GLU A 150 -4.09 -5.30 6.64
CA GLU A 150 -3.14 -5.90 7.59
C GLU A 150 -3.12 -7.44 7.52
N ARG A 151 -4.18 -8.07 7.01
CA ARG A 151 -4.31 -9.51 6.95
C ARG A 151 -4.71 -9.88 5.55
N ALA A 152 -4.50 -11.14 5.16
CA ALA A 152 -5.03 -11.57 3.87
C ALA A 152 -6.45 -12.11 4.05
N ILE A 153 -7.42 -11.41 3.46
CA ILE A 153 -8.85 -11.71 3.65
C ILE A 153 -9.37 -12.24 2.31
N PRO A 154 -9.96 -13.45 2.27
CA PRO A 154 -10.43 -13.97 0.99
C PRO A 154 -11.32 -12.97 0.26
N ASN A 155 -11.13 -12.88 -1.05
CA ASN A 155 -11.92 -12.10 -1.99
C ASN A 155 -11.69 -10.58 -1.93
N TYR A 156 -11.24 -10.08 -0.78
CA TYR A 156 -10.89 -8.66 -0.64
C TYR A 156 -9.74 -8.29 -1.59
N ASN A 157 -8.82 -9.23 -1.75
CA ASN A 157 -7.88 -9.23 -2.88
C ASN A 157 -7.13 -7.90 -3.01
N VAL A 158 -7.09 -7.30 -4.20
CA VAL A 158 -6.26 -6.09 -4.39
C VAL A 158 -6.70 -4.87 -3.56
N MET A 159 -7.96 -4.84 -3.09
CA MET A 159 -8.39 -3.78 -2.18
CA MET A 159 -8.38 -3.77 -2.19
C MET A 159 -7.56 -3.79 -0.89
N GLY A 160 -7.08 -4.97 -0.48
CA GLY A 160 -6.20 -5.07 0.68
C GLY A 160 -4.86 -4.35 0.49
N LEU A 161 -4.28 -4.45 -0.70
CA LEU A 161 -3.05 -3.69 -1.04
C LEU A 161 -3.32 -2.19 -1.10
N ALA A 162 -4.42 -1.78 -1.73
CA ALA A 162 -4.79 -0.36 -1.81
C ALA A 162 -5.04 0.21 -0.41
N LYS A 163 -5.63 -0.58 0.49
CA LYS A 163 -5.78 -0.16 1.88
C LYS A 163 -4.47 -0.08 2.65
N ALA A 164 -3.54 -0.98 2.35
CA ALA A 164 -2.23 -0.88 3.02
C ALA A 164 -1.51 0.36 2.56
N SER A 165 -1.51 0.64 1.24
CA SER A 165 -1.02 1.92 0.73
C SER A 165 -1.69 3.15 1.39
N LEU A 166 -3.01 3.10 1.55
CA LEU A 166 -3.75 4.19 2.19
C LEU A 166 -3.30 4.40 3.63
N GLU A 167 -3.05 3.33 4.38
CA GLU A 167 -2.64 3.54 5.77
C GLU A 167 -1.23 4.13 5.85
N ALA A 168 -0.35 3.74 4.92
CA ALA A 168 0.96 4.37 4.82
C ALA A 168 0.82 5.84 4.42
N ASN A 169 -0.12 6.15 3.54
CA ASN A 169 -0.44 7.53 3.15
C ASN A 169 -0.82 8.36 4.38
N VAL A 170 -1.58 7.77 5.29
CA VAL A 170 -1.98 8.46 6.54
C VAL A 170 -0.73 8.89 7.30
N ARG A 171 0.22 7.98 7.42
CA ARG A 171 1.45 8.29 8.18
C ARG A 171 2.31 9.34 7.48
N TYR A 172 2.49 9.18 6.17
CA TYR A 172 3.29 10.16 5.40
C TYR A 172 2.65 11.55 5.38
N MET A 173 1.32 11.59 5.26
CA MET A 173 0.60 12.83 5.34
C MET A 173 0.66 13.45 6.74
N ALA A 174 0.51 12.63 7.79
CA ALA A 174 0.53 13.21 9.15
C ALA A 174 1.89 13.83 9.41
N ASN A 175 2.92 13.16 8.92
CA ASN A 175 4.26 13.62 9.22
C ASN A 175 4.57 14.91 8.44
N ALA A 176 4.07 14.98 7.20
CA ALA A 176 4.34 16.13 6.31
C ALA A 176 3.60 17.40 6.73
N MET A 177 2.34 17.23 7.16
CA MET A 177 1.42 18.36 7.44
C MET A 177 1.29 18.76 8.92
N GLY A 178 1.78 17.90 9.80
CA GLY A 178 1.85 18.19 11.22
C GLY A 178 2.43 19.57 11.53
N PRO A 179 3.57 19.91 10.92
CA PRO A 179 4.16 21.23 11.25
C PRO A 179 3.32 22.46 10.89
N GLU A 180 2.30 22.31 10.06
CA GLU A 180 1.38 23.43 9.79
CA GLU A 180 1.34 23.39 9.73
C GLU A 180 0.07 23.33 10.59
N GLY A 181 0.02 22.42 11.57
CA GLY A 181 -1.13 22.28 12.45
C GLY A 181 -2.22 21.36 11.93
N VAL A 182 -1.88 20.42 11.04
CA VAL A 182 -2.89 19.49 10.46
C VAL A 182 -2.66 18.05 10.93
N ARG A 183 -3.68 17.40 11.49
CA ARG A 183 -3.64 15.96 11.87
C ARG A 183 -4.25 15.10 10.77
N VAL A 184 -3.74 13.88 10.57
CA VAL A 184 -4.27 12.96 9.53
C VAL A 184 -4.41 11.59 10.17
N ASN A 185 -5.61 11.01 10.17
CA ASN A 185 -5.81 9.72 10.81
C ASN A 185 -6.66 8.83 9.92
N ALA A 186 -6.75 7.56 10.29
CA ALA A 186 -7.72 6.68 9.66
C ALA A 186 -8.57 5.98 10.69
N ILE A 187 -9.78 5.59 10.28
CA ILE A 187 -10.50 4.57 11.04
C ILE A 187 -10.49 3.26 10.29
N SER A 188 -9.99 2.19 10.90
CA SER A 188 -10.19 0.84 10.35
C SER A 188 -11.52 0.27 10.85
N ALA A 189 -12.55 0.37 10.00
CA ALA A 189 -13.88 0.03 10.47
C ALA A 189 -14.13 -1.47 10.30
N GLY A 190 -14.95 -2.04 11.17
CA GLY A 190 -15.40 -3.43 11.01
C GLY A 190 -16.35 -3.44 9.81
N PRO A 191 -16.66 -4.63 9.26
CA PRO A 191 -17.65 -4.62 8.17
C PRO A 191 -19.03 -4.16 8.61
N ILE A 192 -19.66 -3.34 7.77
CA ILE A 192 -20.93 -2.68 8.05
C ILE A 192 -22.10 -3.59 7.63
N ALA A 212 -19.83 -12.05 17.02
CA ALA A 212 -19.71 -13.50 17.19
C ALA A 212 -18.34 -13.95 17.77
N VAL A 213 -17.27 -13.82 16.97
CA VAL A 213 -15.87 -13.84 17.44
C VAL A 213 -15.41 -12.41 17.80
N THR A 214 -16.29 -11.44 17.54
CA THR A 214 -16.11 -10.04 17.93
C THR A 214 -16.33 -9.86 19.44
N PRO A 215 -15.36 -9.24 20.15
CA PRO A 215 -15.56 -9.07 21.60
C PRO A 215 -16.89 -8.42 22.01
N ILE A 216 -17.32 -7.36 21.33
CA ILE A 216 -18.58 -6.71 21.73
C ILE A 216 -19.83 -7.47 21.24
N ARG A 217 -19.65 -8.60 20.55
CA ARG A 217 -20.74 -9.53 20.22
C ARG A 217 -21.84 -8.92 19.34
N ARG A 218 -21.48 -7.90 18.55
CA ARG A 218 -22.33 -7.39 17.47
C ARG A 218 -21.42 -6.84 16.37
N THR A 219 -21.98 -6.49 15.20
CA THR A 219 -21.17 -5.73 14.24
C THR A 219 -21.26 -4.21 14.52
N VAL A 220 -20.23 -3.45 14.13
CA VAL A 220 -20.28 -2.00 14.28
C VAL A 220 -21.25 -1.37 13.28
N THR A 221 -21.79 -0.21 13.61
CA THR A 221 -22.79 0.44 12.78
C THR A 221 -22.18 1.73 12.22
N ILE A 222 -22.82 2.34 11.24
CA ILE A 222 -22.32 3.65 10.78
C ILE A 222 -22.46 4.72 11.87
N GLU A 223 -23.35 4.52 12.84
CA GLU A 223 -23.44 5.41 14.02
C GLU A 223 -22.17 5.29 14.89
N ASP A 224 -21.70 4.07 15.12
CA ASP A 224 -20.42 3.87 15.85
C ASP A 224 -19.26 4.54 15.12
N VAL A 225 -19.15 4.24 13.83
CA VAL A 225 -18.08 4.80 13.02
C VAL A 225 -18.21 6.32 13.01
N GLY A 226 -19.43 6.83 12.83
CA GLY A 226 -19.67 8.29 12.82
C GLY A 226 -19.26 9.03 14.10
N ASN A 227 -19.52 8.42 15.25
CA ASN A 227 -19.08 9.02 16.49
C ASN A 227 -17.54 9.06 16.63
N SER A 228 -16.89 7.97 16.25
CA SER A 228 -15.42 7.96 16.30
C SER A 228 -14.83 8.97 15.31
N ALA A 229 -15.39 9.02 14.10
CA ALA A 229 -15.00 9.99 13.07
C ALA A 229 -15.13 11.43 13.57
N ALA A 230 -16.28 11.76 14.18
CA ALA A 230 -16.51 13.09 14.75
C ALA A 230 -15.41 13.46 15.75
N PHE A 231 -15.15 12.54 16.68
CA PHE A 231 -14.04 12.69 17.66
C PHE A 231 -12.70 12.95 16.96
N LEU A 232 -12.39 12.14 15.95
CA LEU A 232 -11.09 12.23 15.25
C LEU A 232 -10.91 13.49 14.41
N CYS A 233 -12.02 14.16 14.07
CA CYS A 233 -11.93 15.44 13.36
C CYS A 233 -12.12 16.64 14.30
N SER A 234 -12.15 16.38 15.61
CA SER A 234 -12.50 17.47 16.52
C SER A 234 -11.25 17.77 17.34
N ASP A 235 -11.25 18.91 18.03
CA ASP A 235 -10.13 19.25 18.90
C ASP A 235 -9.92 18.29 20.07
N LEU A 236 -10.93 17.48 20.39
CA LEU A 236 -10.78 16.46 21.44
C LEU A 236 -9.66 15.47 21.14
N SER A 237 -9.41 15.19 19.86
CA SER A 237 -8.34 14.28 19.46
C SER A 237 -7.04 14.99 19.11
N ALA A 238 -6.85 16.20 19.65
CA ALA A 238 -5.62 16.96 19.42
C ALA A 238 -4.30 16.16 19.58
N GLY A 239 -4.31 15.14 20.44
CA GLY A 239 -3.11 14.35 20.69
C GLY A 239 -2.80 13.25 19.68
N ILE A 240 -3.71 13.01 18.74
CA ILE A 240 -3.68 11.84 17.88
C ILE A 240 -3.44 12.20 16.43
N SER A 241 -2.36 11.70 15.85
CA SER A 241 -2.09 11.90 14.41
C SER A 241 -1.28 10.74 13.83
N GLY A 242 -1.49 10.49 12.54
CA GLY A 242 -0.89 9.35 11.83
C GLY A 242 -1.37 8.00 12.32
N GLU A 243 -2.52 7.94 12.98
CA GLU A 243 -2.96 6.70 13.63
C GLU A 243 -4.03 6.00 12.81
N VAL A 244 -4.08 4.67 12.86
CA VAL A 244 -5.20 3.89 12.32
C VAL A 244 -5.97 3.31 13.49
N VAL A 245 -7.12 3.91 13.80
CA VAL A 245 -7.92 3.52 14.93
C VAL A 245 -8.88 2.39 14.57
N HIS A 246 -8.83 1.25 15.26
CA HIS A 246 -9.71 0.14 14.90
C HIS A 246 -11.06 0.35 15.53
N VAL A 247 -12.08 0.50 14.69
CA VAL A 247 -13.44 0.65 15.20
C VAL A 247 -14.23 -0.56 14.69
N ASP A 248 -13.96 -1.73 15.27
CA ASP A 248 -14.38 -3.00 14.70
C ASP A 248 -14.80 -3.90 15.84
N GLY A 249 -15.07 -3.30 16.99
CA GLY A 249 -15.62 -4.11 18.07
C GLY A 249 -14.63 -5.03 18.78
N GLY A 250 -13.34 -4.84 18.49
CA GLY A 250 -12.30 -5.70 19.02
C GLY A 250 -11.98 -6.90 18.14
N PHE A 251 -12.65 -7.02 16.99
CA PHE A 251 -12.46 -8.21 16.15
C PHE A 251 -10.98 -8.53 15.87
N SER A 252 -10.20 -7.51 15.51
CA SER A 252 -8.89 -7.74 14.95
C SER A 252 -7.90 -8.24 16.03
N ILE A 253 -8.21 -7.94 17.29
CA ILE A 253 -7.30 -8.34 18.38
C ILE A 253 -7.61 -9.71 18.97
N ALA A 254 -8.66 -10.38 18.49
CA ALA A 254 -9.00 -11.74 18.97
C ALA A 254 -8.55 -12.88 18.02
N ALA A 255 -8.49 -14.10 18.52
CA ALA A 255 -8.21 -15.27 17.66
C ALA A 255 -8.83 -16.54 18.25
N MET A 256 -9.29 -17.45 17.38
CA MET A 256 -9.87 -18.75 17.76
C MET A 256 -11.10 -18.75 18.68
N ASN A 257 -11.80 -17.63 18.78
CA ASN A 257 -13.02 -17.55 19.58
C ASN A 257 -14.09 -18.53 19.09
N GLY B 2 25.29 -27.13 -0.41
CA GLY B 2 24.71 -26.50 0.81
C GLY B 2 23.22 -26.72 0.89
N PHE B 3 22.51 -25.86 1.63
CA PHE B 3 21.08 -26.08 1.92
C PHE B 3 20.12 -25.66 0.80
N LEU B 4 20.65 -25.14 -0.30
CA LEU B 4 19.84 -24.96 -1.50
C LEU B 4 20.23 -25.94 -2.63
N SER B 5 20.93 -27.02 -2.32
CA SER B 5 21.27 -27.98 -3.39
C SER B 5 19.98 -28.61 -3.91
N GLY B 6 19.87 -28.80 -5.23
CA GLY B 6 18.62 -29.31 -5.79
C GLY B 6 17.58 -28.24 -6.07
N LYS B 7 17.84 -26.98 -5.72
CA LYS B 7 16.89 -25.89 -6.01
C LYS B 7 17.33 -25.08 -7.25
N ARG B 8 16.35 -24.68 -8.05
CA ARG B 8 16.50 -23.72 -9.14
C ARG B 8 15.76 -22.38 -8.89
N ILE B 9 16.52 -21.29 -8.81
CA ILE B 9 15.96 -20.00 -8.36
C ILE B 9 16.24 -18.92 -9.40
N LEU B 10 15.23 -18.13 -9.75
CA LEU B 10 15.46 -17.00 -10.64
C LEU B 10 15.73 -15.74 -9.82
N VAL B 11 16.79 -15.01 -10.14
CA VAL B 11 17.13 -13.76 -9.44
C VAL B 11 16.98 -12.54 -10.35
N THR B 12 16.10 -11.61 -9.97
CA THR B 12 15.95 -10.35 -10.69
C THR B 12 16.83 -9.28 -10.04
N GLY B 13 16.98 -8.15 -10.72
CA GLY B 13 17.45 -6.93 -10.07
C GLY B 13 18.94 -6.82 -9.82
N VAL B 14 19.73 -7.74 -10.37
CA VAL B 14 21.20 -7.62 -10.26
C VAL B 14 21.66 -6.53 -11.23
N ALA B 15 22.06 -5.38 -10.70
CA ALA B 15 22.47 -4.25 -11.52
C ALA B 15 23.97 -3.97 -11.43
N SER B 16 24.53 -4.18 -10.24
CA SER B 16 25.98 -4.10 -10.03
C SER B 16 26.38 -5.03 -8.88
N LYS B 17 27.67 -4.99 -8.54
CA LYS B 17 28.22 -5.69 -7.39
C LYS B 17 27.66 -5.23 -6.05
N LEU B 18 27.09 -4.02 -6.04
CA LEU B 18 26.56 -3.41 -4.82
C LEU B 18 25.09 -3.77 -4.60
N SER B 19 24.45 -4.32 -5.63
CA SER B 19 23.05 -4.69 -5.59
C SER B 19 22.73 -5.67 -4.47
N ILE B 20 21.61 -5.46 -3.80
CA ILE B 20 21.12 -6.45 -2.82
C ILE B 20 20.97 -7.79 -3.54
N ALA B 21 20.48 -7.78 -4.77
CA ALA B 21 20.29 -9.01 -5.53
C ALA B 21 21.62 -9.72 -5.79
N TYR B 22 22.71 -8.96 -5.85
CA TYR B 22 24.01 -9.60 -6.05
C TYR B 22 24.45 -10.38 -4.82
N GLY B 23 24.31 -9.79 -3.63
CA GLY B 23 24.59 -10.53 -2.39
C GLY B 23 23.68 -11.74 -2.20
N ILE B 24 22.41 -11.61 -2.57
CA ILE B 24 21.50 -12.76 -2.52
C ILE B 24 21.95 -13.90 -3.46
N ALA B 25 22.21 -13.56 -4.74
CA ALA B 25 22.68 -14.58 -5.67
C ALA B 25 23.96 -15.26 -5.17
N GLN B 26 24.90 -14.48 -4.64
CA GLN B 26 26.16 -15.05 -4.17
C GLN B 26 25.94 -16.10 -3.10
N ALA B 27 25.07 -15.78 -2.13
CA ALA B 27 24.76 -16.66 -1.01
C ALA B 27 24.01 -17.91 -1.49
N MET B 28 23.08 -17.76 -2.43
CA MET B 28 22.33 -18.92 -2.86
C MET B 28 23.25 -19.82 -3.70
N HIS B 29 24.13 -19.21 -4.49
CA HIS B 29 25.14 -19.99 -5.23
C HIS B 29 26.10 -20.73 -4.30
N ARG B 30 26.58 -20.00 -3.29
CA ARG B 30 27.42 -20.63 -2.28
C ARG B 30 26.76 -21.87 -1.69
N GLU B 31 25.46 -21.79 -1.45
CA GLU B 31 24.67 -22.85 -0.84
C GLU B 31 24.11 -23.87 -1.85
N GLY B 32 24.57 -23.81 -3.11
CA GLY B 32 24.38 -24.87 -4.09
C GLY B 32 23.15 -24.74 -5.01
N ALA B 33 22.39 -23.65 -4.91
CA ALA B 33 21.33 -23.40 -5.89
C ALA B 33 21.87 -23.24 -7.31
N GLU B 34 21.08 -23.70 -8.29
CA GLU B 34 21.29 -23.28 -9.67
C GLU B 34 20.51 -22.00 -9.94
N LEU B 35 21.17 -21.05 -10.58
CA LEU B 35 20.57 -19.72 -10.71
C LEU B 35 20.30 -19.39 -12.18
N ALA B 36 19.30 -18.55 -12.39
CA ALA B 36 19.02 -17.81 -13.62
C ALA B 36 18.82 -16.33 -13.27
N PHE B 37 19.05 -15.44 -14.23
CA PHE B 37 19.06 -13.99 -14.00
C PHE B 37 18.25 -13.23 -15.03
N THR B 38 17.60 -12.15 -14.62
CA THR B 38 17.00 -11.24 -15.58
C THR B 38 17.75 -9.92 -15.55
N TYR B 39 17.65 -9.18 -16.65
CA TYR B 39 18.02 -7.77 -16.69
C TYR B 39 16.93 -6.88 -17.28
N GLN B 40 16.89 -5.63 -16.83
CA GLN B 40 15.83 -4.71 -17.21
C GLN B 40 15.89 -4.31 -18.68
N ASN B 41 17.05 -3.85 -19.14
CA ASN B 41 17.19 -3.35 -20.51
C ASN B 41 18.56 -3.64 -21.07
N ASP B 42 18.74 -3.34 -22.35
CA ASP B 42 19.96 -3.75 -23.04
C ASP B 42 21.23 -3.18 -22.42
N LYS B 43 21.14 -1.99 -21.81
CA LYS B 43 22.32 -1.41 -21.18
C LYS B 43 22.94 -2.38 -20.16
N LEU B 44 22.09 -3.04 -19.38
CA LEU B 44 22.54 -3.98 -18.34
C LEU B 44 22.90 -5.39 -18.85
N LYS B 45 22.65 -5.69 -20.13
CA LYS B 45 22.78 -7.06 -20.62
C LYS B 45 24.19 -7.66 -20.46
N GLY B 46 25.19 -6.96 -21.00
CA GLY B 46 26.60 -7.23 -20.77
C GLY B 46 26.94 -7.59 -19.35
N ARG B 47 26.75 -6.65 -18.42
CA ARG B 47 27.14 -6.83 -17.03
C ARG B 47 26.43 -8.00 -16.34
N VAL B 48 25.15 -8.20 -16.64
CA VAL B 48 24.43 -9.26 -15.96
C VAL B 48 24.86 -10.60 -16.54
N GLU B 49 25.20 -10.65 -17.83
CA GLU B 49 25.79 -11.86 -18.40
C GLU B 49 27.10 -12.24 -17.70
N GLU B 50 27.92 -11.26 -17.36
CA GLU B 50 29.16 -11.64 -16.70
C GLU B 50 29.01 -12.01 -15.21
N PHE B 51 28.09 -11.33 -14.50
CA PHE B 51 27.79 -11.67 -13.10
C PHE B 51 27.21 -13.07 -13.04
N ALA B 52 26.34 -13.40 -13.98
CA ALA B 52 25.75 -14.73 -14.02
C ALA B 52 26.83 -15.78 -14.21
N ALA B 53 27.77 -15.54 -15.12
CA ALA B 53 28.80 -16.54 -15.45
C ALA B 53 29.54 -17.03 -14.21
N GLN B 54 29.95 -16.07 -13.39
CA GLN B 54 30.72 -16.36 -12.18
C GLN B 54 29.84 -16.99 -11.09
N LEU B 55 28.52 -16.97 -11.28
CA LEU B 55 27.63 -17.66 -10.37
C LEU B 55 27.07 -18.93 -11.03
N GLY B 56 27.90 -19.47 -11.93
CA GLY B 56 27.63 -20.74 -12.60
C GLY B 56 26.46 -20.79 -13.56
N SER B 57 25.98 -19.64 -14.02
CA SER B 57 24.77 -19.59 -14.83
C SER B 57 25.02 -19.08 -16.26
N ASP B 58 24.43 -19.68 -17.30
CA ASP B 58 24.31 -18.98 -18.59
C ASP B 58 22.84 -18.70 -18.96
N ILE B 59 21.99 -18.59 -17.94
CA ILE B 59 20.58 -18.24 -18.19
C ILE B 59 20.35 -16.78 -17.81
N VAL B 60 20.24 -15.92 -18.81
CA VAL B 60 20.27 -14.47 -18.61
C VAL B 60 19.27 -13.89 -19.59
N LEU B 61 18.14 -13.39 -19.05
CA LEU B 61 16.97 -13.04 -19.85
C LEU B 61 16.47 -11.61 -19.60
N GLN B 62 16.10 -10.93 -20.67
CA GLN B 62 15.60 -9.58 -20.55
C GLN B 62 14.20 -9.64 -19.96
N CYS B 63 13.94 -8.75 -19.01
CA CYS B 63 12.60 -8.63 -18.48
C CYS B 63 12.34 -7.22 -17.93
N ASP B 64 11.43 -6.48 -18.56
CA ASP B 64 10.97 -5.17 -18.07
C ASP B 64 9.58 -5.34 -17.45
N VAL B 65 9.49 -5.28 -16.12
CA VAL B 65 8.24 -5.63 -15.42
C VAL B 65 7.11 -4.62 -15.50
N ALA B 66 7.36 -3.49 -16.16
CA ALA B 66 6.30 -2.59 -16.61
C ALA B 66 5.40 -3.20 -17.66
N GLU B 67 5.88 -4.21 -18.39
CA GLU B 67 5.15 -4.76 -19.54
CA GLU B 67 5.09 -4.74 -19.51
C GLU B 67 4.76 -6.23 -19.30
N ASP B 68 3.48 -6.57 -19.34
CA ASP B 68 3.01 -7.97 -19.19
C ASP B 68 3.64 -8.91 -20.23
N ALA B 69 3.79 -8.41 -21.45
CA ALA B 69 4.33 -9.24 -22.52
C ALA B 69 5.81 -9.56 -22.31
N SER B 70 6.57 -8.63 -21.72
CA SER B 70 7.98 -8.89 -21.42
C SER B 70 8.11 -9.97 -20.32
N ILE B 71 7.27 -9.87 -19.30
CA ILE B 71 7.22 -10.92 -18.28
C ILE B 71 6.90 -12.27 -18.94
N ASP B 72 5.85 -12.32 -19.78
CA ASP B 72 5.45 -13.59 -20.41
C ASP B 72 6.53 -14.18 -21.31
N THR B 73 7.17 -13.32 -22.10
CA THR B 73 8.22 -13.72 -23.02
C THR B 73 9.39 -14.28 -22.22
N MET B 74 9.65 -13.64 -21.09
CA MET B 74 10.78 -14.04 -20.29
C MET B 74 10.57 -15.43 -19.70
N PHE B 75 9.38 -15.67 -19.18
CA PHE B 75 9.12 -16.98 -18.57
C PHE B 75 9.01 -18.07 -19.65
N ALA B 76 8.46 -17.74 -20.82
CA ALA B 76 8.50 -18.66 -21.98
C ALA B 76 9.93 -19.13 -22.31
N GLU B 77 10.87 -18.18 -22.41
CA GLU B 77 12.28 -18.50 -22.62
C GLU B 77 12.93 -19.31 -21.48
N LEU B 78 12.68 -18.93 -20.23
CA LEU B 78 13.15 -19.68 -19.09
C LEU B 78 12.65 -21.12 -19.19
N GLY B 79 11.40 -21.28 -19.61
CA GLY B 79 10.77 -22.59 -19.71
C GLY B 79 11.45 -23.55 -20.68
N LYS B 80 12.20 -23.01 -21.63
CA LYS B 80 12.95 -23.87 -22.56
C LYS B 80 14.11 -24.58 -21.86
N VAL B 81 14.62 -24.02 -20.76
CA VAL B 81 15.73 -24.64 -20.02
C VAL B 81 15.31 -25.14 -18.63
N TRP B 82 14.36 -24.45 -18.00
CA TRP B 82 13.81 -24.85 -16.71
C TRP B 82 12.27 -24.93 -16.85
N PRO B 83 11.73 -26.04 -17.37
CA PRO B 83 10.26 -26.13 -17.44
C PRO B 83 9.58 -26.11 -16.05
N LYS B 84 10.29 -26.57 -15.02
CA LYS B 84 9.92 -26.37 -13.62
C LYS B 84 11.04 -25.66 -12.88
N PHE B 85 10.68 -24.81 -11.91
CA PHE B 85 11.69 -24.29 -10.97
C PHE B 85 11.07 -24.00 -9.58
N ASP B 86 11.88 -23.45 -8.66
CA ASP B 86 11.58 -23.55 -7.24
C ASP B 86 11.36 -22.17 -6.61
N GLY B 87 11.20 -21.15 -7.46
CA GLY B 87 10.89 -19.81 -6.96
C GLY B 87 11.76 -18.71 -7.51
N PHE B 88 11.52 -17.48 -7.06
CA PHE B 88 12.32 -16.35 -7.55
C PHE B 88 12.51 -15.29 -6.48
N VAL B 89 13.56 -14.49 -6.66
CA VAL B 89 13.85 -13.36 -5.81
C VAL B 89 13.50 -12.10 -6.61
N HIS B 90 12.58 -11.33 -6.06
CA HIS B 90 12.09 -10.07 -6.62
C HIS B 90 12.86 -8.95 -5.92
N SER B 91 13.78 -8.31 -6.63
CA SER B 91 14.61 -7.27 -6.04
C SER B 91 14.62 -6.05 -6.96
N ILE B 92 13.41 -5.51 -7.17
CA ILE B 92 13.09 -4.51 -8.18
C ILE B 92 12.26 -3.48 -7.43
N GLY B 93 12.70 -2.22 -7.50
CA GLY B 93 11.92 -1.11 -6.96
C GLY B 93 12.30 0.09 -7.79
N PHE B 94 11.36 1.02 -7.90
CA PHE B 94 11.59 2.26 -8.60
C PHE B 94 10.54 3.26 -8.19
N ALA B 95 10.95 4.51 -7.95
CA ALA B 95 10.06 5.66 -8.08
C ALA B 95 10.83 6.80 -8.76
N PRO B 96 10.16 7.62 -9.59
CA PRO B 96 10.85 8.75 -10.25
C PRO B 96 11.54 9.63 -9.21
N GLY B 97 12.78 10.00 -9.49
CA GLY B 97 13.57 10.89 -8.64
C GLY B 97 12.85 12.10 -8.07
N ASP B 98 12.05 12.79 -8.88
CA ASP B 98 11.25 13.91 -8.36
C ASP B 98 10.32 13.58 -7.16
N GLN B 99 9.85 12.33 -7.07
CA GLN B 99 9.07 11.85 -5.92
C GLN B 99 9.77 11.92 -4.56
N LEU B 100 11.10 11.83 -4.54
CA LEU B 100 11.85 11.71 -3.28
C LEU B 100 12.45 13.04 -2.77
N ASP B 101 12.02 14.17 -3.31
CA ASP B 101 12.67 15.43 -3.01
C ASP B 101 11.86 16.23 -2.01
N GLY B 102 12.14 16.08 -0.72
CA GLY B 102 11.53 16.96 0.28
C GLY B 102 10.11 16.56 0.66
N ASP B 103 9.34 17.53 1.13
CA ASP B 103 7.97 17.34 1.62
C ASP B 103 7.15 16.43 0.71
N TYR B 104 6.51 15.44 1.33
CA TYR B 104 5.90 14.36 0.60
C TYR B 104 4.63 14.84 -0.10
N VAL B 105 3.81 15.60 0.61
CA VAL B 105 2.55 16.07 0.00
C VAL B 105 2.85 17.00 -1.19
N ASN B 106 3.87 17.83 -1.11
CA ASN B 106 4.20 18.65 -2.29
C ASN B 106 4.83 17.87 -3.44
N ALA B 107 5.64 16.88 -3.11
CA ALA B 107 6.36 16.14 -4.15
C ALA B 107 5.54 15.07 -4.88
N VAL B 108 4.63 14.39 -4.20
CA VAL B 108 3.94 13.26 -4.81
C VAL B 108 3.04 13.75 -5.93
N THR B 109 2.89 12.94 -6.97
CA THR B 109 1.96 13.21 -8.09
C THR B 109 1.24 11.93 -8.42
N ARG B 110 0.16 12.03 -9.21
CA ARG B 110 -0.62 10.85 -9.51
C ARG B 110 0.23 9.84 -10.28
N GLU B 111 0.99 10.37 -11.26
CA GLU B 111 1.88 9.60 -12.12
C GLU B 111 3.06 8.99 -11.35
N GLY B 112 3.69 9.77 -10.48
CA GLY B 112 4.72 9.21 -9.61
C GLY B 112 4.23 8.05 -8.72
N PHE B 113 3.06 8.25 -8.13
CA PHE B 113 2.39 7.26 -7.27
C PHE B 113 2.07 6.04 -8.11
N LYS B 114 1.51 6.27 -9.29
CA LYS B 114 1.20 5.16 -10.21
C LYS B 114 2.42 4.29 -10.52
N ILE B 115 3.50 4.90 -10.99
CA ILE B 115 4.71 4.16 -11.40
C ILE B 115 5.38 3.44 -10.22
N ALA B 116 5.55 4.15 -9.10
CA ALA B 116 6.09 3.54 -7.86
C ALA B 116 5.36 2.27 -7.47
N HIS B 117 4.04 2.31 -7.46
CA HIS B 117 3.27 1.15 -7.02
C HIS B 117 3.30 0.04 -8.08
N ASP B 118 3.19 0.43 -9.35
CA ASP B 118 3.27 -0.52 -10.48
C ASP B 118 4.58 -1.30 -10.49
N ILE B 119 5.70 -0.58 -10.36
CA ILE B 119 6.99 -1.23 -10.50
C ILE B 119 7.43 -1.93 -9.19
N SER B 120 7.18 -1.32 -8.03
CA SER B 120 7.65 -1.85 -6.77
C SER B 120 6.70 -2.82 -6.05
N SER B 121 5.42 -2.87 -6.41
CA SER B 121 4.48 -3.77 -5.73
C SER B 121 3.77 -4.66 -6.75
N TYR B 122 3.05 -4.06 -7.70
CA TYR B 122 2.33 -4.89 -8.68
C TYR B 122 3.24 -5.92 -9.37
N SER B 123 4.43 -5.50 -9.75
CA SER B 123 5.28 -6.43 -10.50
C SER B 123 5.56 -7.74 -9.75
N PHE B 124 5.59 -7.72 -8.42
CA PHE B 124 5.81 -8.97 -7.68
C PHE B 124 4.76 -10.03 -7.99
N VAL B 125 3.49 -9.65 -7.90
CA VAL B 125 2.42 -10.57 -8.23
C VAL B 125 2.33 -10.86 -9.73
N ALA B 126 2.66 -9.86 -10.57
CA ALA B 126 2.67 -10.06 -12.02
C ALA B 126 3.60 -11.20 -12.36
N MET B 127 4.78 -11.23 -11.73
CA MET B 127 5.70 -12.34 -12.02
C MET B 127 5.15 -13.68 -11.52
N ALA B 128 4.55 -13.71 -10.32
CA ALA B 128 3.94 -14.95 -9.79
C ALA B 128 2.84 -15.50 -10.73
N LYS B 129 1.95 -14.61 -11.18
CA LYS B 129 0.90 -15.03 -12.12
C LYS B 129 1.51 -15.75 -13.32
N ALA B 130 2.61 -15.20 -13.80
CA ALA B 130 3.13 -15.61 -15.10
C ALA B 130 3.90 -16.92 -15.00
N CYS B 131 4.33 -17.31 -13.79
CA CYS B 131 5.13 -18.55 -13.67
C CYS B 131 4.47 -19.57 -12.76
N ARG B 132 3.23 -19.30 -12.35
CA ARG B 132 2.55 -20.11 -11.34
C ARG B 132 2.52 -21.60 -11.67
N SER B 133 2.19 -21.94 -12.91
CA SER B 133 2.21 -23.34 -13.30
C SER B 133 3.60 -23.98 -13.41
N MET B 134 4.68 -23.18 -13.36
CA MET B 134 6.05 -23.71 -13.49
C MET B 134 6.67 -24.02 -12.14
N LEU B 135 6.05 -23.57 -11.06
CA LEU B 135 6.63 -23.79 -9.74
C LEU B 135 6.42 -25.21 -9.17
N ASN B 136 7.48 -25.82 -8.62
CA ASN B 136 7.37 -27.09 -7.90
C ASN B 136 6.69 -26.93 -6.53
N PRO B 137 6.06 -27.99 -5.99
CA PRO B 137 5.76 -27.95 -4.56
C PRO B 137 7.05 -27.70 -3.78
N GLY B 138 6.99 -26.92 -2.72
CA GLY B 138 8.20 -26.58 -1.95
C GLY B 138 8.84 -25.26 -2.40
N SER B 139 8.29 -24.63 -3.44
CA SER B 139 8.79 -23.35 -3.93
C SER B 139 8.62 -22.21 -2.92
N ALA B 140 9.46 -21.20 -3.11
CA ALA B 140 9.50 -20.02 -2.25
C ALA B 140 9.73 -18.75 -3.09
N LEU B 141 8.92 -17.73 -2.89
CA LEU B 141 9.10 -16.43 -3.51
C LEU B 141 9.55 -15.43 -2.45
N LEU B 142 10.38 -14.46 -2.82
CA LEU B 142 10.93 -13.47 -1.89
C LEU B 142 10.99 -12.10 -2.52
N THR B 143 10.60 -11.06 -1.78
CA THR B 143 10.80 -9.69 -2.23
C THR B 143 11.51 -8.90 -1.16
N LEU B 144 11.89 -7.65 -1.48
CA LEU B 144 12.66 -6.81 -0.55
C LEU B 144 11.83 -5.56 -0.20
N SER B 145 11.66 -5.30 1.09
CA SER B 145 10.96 -4.11 1.53
C SER B 145 11.88 -3.26 2.42
N TYR B 146 11.32 -2.17 2.94
CA TYR B 146 12.05 -1.23 3.80
C TYR B 146 11.09 -0.64 4.84
N LEU B 147 11.65 -0.28 6.00
CA LEU B 147 10.94 0.30 7.14
C LEU B 147 9.97 1.43 6.76
N GLY B 148 10.25 2.11 5.64
CA GLY B 148 9.41 3.16 5.08
C GLY B 148 7.98 2.68 4.78
N ALA B 149 7.78 1.37 4.70
CA ALA B 149 6.42 0.81 4.61
C ALA B 149 5.59 1.09 5.86
N GLU B 150 6.25 1.00 7.02
CA GLU B 150 5.63 0.99 8.34
C GLU B 150 5.74 2.35 9.02
N ARG B 151 6.77 3.13 8.70
CA ARG B 151 6.96 4.45 9.33
C ARG B 151 7.03 5.54 8.27
N ALA B 152 6.74 6.78 8.66
CA ALA B 152 6.93 7.95 7.79
C ALA B 152 8.39 8.35 7.92
N ILE B 153 9.12 8.16 6.82
CA ILE B 153 10.55 8.48 6.73
C ILE B 153 10.74 9.63 5.73
N PRO B 154 11.44 10.72 6.13
CA PRO B 154 11.59 11.86 5.24
C PRO B 154 12.25 11.47 3.91
N ASN B 155 11.73 12.04 2.81
CA ASN B 155 12.25 11.84 1.45
C ASN B 155 11.89 10.51 0.82
N TYR B 156 11.64 9.47 1.64
CA TYR B 156 11.28 8.16 1.10
C TYR B 156 9.89 8.24 0.46
N ASN B 157 9.06 9.11 1.01
CA ASN B 157 7.86 9.58 0.36
C ASN B 157 7.04 8.45 -0.29
N VAL B 158 6.72 8.57 -1.58
CA VAL B 158 5.68 7.68 -2.12
C VAL B 158 6.17 6.23 -2.18
N MET B 159 7.47 6.04 -2.08
CA MET B 159 8.06 4.70 -2.08
C MET B 159 7.64 3.93 -0.79
N GLY B 160 7.33 4.65 0.29
CA GLY B 160 6.84 4.03 1.53
C GLY B 160 5.44 3.46 1.32
N LEU B 161 4.62 4.18 0.59
CA LEU B 161 3.28 3.67 0.25
C LEU B 161 3.40 2.42 -0.62
N ALA B 162 4.26 2.50 -1.64
CA ALA B 162 4.48 1.34 -2.52
C ALA B 162 4.96 0.12 -1.76
N LYS B 163 5.84 0.32 -0.79
CA LYS B 163 6.34 -0.82 -0.01
C LYS B 163 5.24 -1.35 0.92
N ALA B 164 4.38 -0.46 1.45
CA ALA B 164 3.26 -0.95 2.27
C ALA B 164 2.37 -1.84 1.39
N SER B 165 2.08 -1.35 0.18
CA SER B 165 1.34 -2.18 -0.80
C SER B 165 2.05 -3.52 -1.05
N LEU B 166 3.37 -3.46 -1.19
CA LEU B 166 4.16 -4.67 -1.43
C LEU B 166 4.06 -5.67 -0.26
N GLU B 167 4.11 -5.19 0.98
CA GLU B 167 4.04 -6.15 2.12
C GLU B 167 2.61 -6.73 2.26
N ALA B 168 1.57 -6.00 1.89
CA ALA B 168 0.26 -6.64 1.83
C ALA B 168 0.21 -7.67 0.70
N ASN B 169 0.88 -7.37 -0.40
CA ASN B 169 0.99 -8.31 -1.55
C ASN B 169 1.58 -9.64 -1.07
N VAL B 170 2.64 -9.56 -0.26
CA VAL B 170 3.24 -10.76 0.33
C VAL B 170 2.21 -11.63 1.06
N ARG B 171 1.37 -11.00 1.89
CA ARG B 171 0.37 -11.72 2.66
C ARG B 171 -0.71 -12.30 1.76
N TYR B 172 -1.22 -11.52 0.81
CA TYR B 172 -2.27 -12.03 -0.08
C TYR B 172 -1.74 -13.14 -0.99
N MET B 173 -0.48 -13.01 -1.46
CA MET B 173 0.14 -14.04 -2.33
C MET B 173 0.41 -15.29 -1.50
N ALA B 174 0.91 -15.10 -0.27
CA ALA B 174 1.09 -16.28 0.60
C ALA B 174 -0.18 -17.07 0.84
N ASN B 175 -1.27 -16.35 1.12
CA ASN B 175 -2.53 -16.98 1.42
C ASN B 175 -3.09 -17.69 0.19
N ALA B 176 -2.96 -17.07 -0.99
CA ALA B 176 -3.49 -17.68 -2.23
C ALA B 176 -2.69 -18.92 -2.67
N MET B 177 -1.37 -18.83 -2.56
CA MET B 177 -0.49 -19.87 -3.13
C MET B 177 -0.05 -20.95 -2.16
N GLY B 178 -0.29 -20.75 -0.87
CA GLY B 178 0.11 -21.74 0.13
C GLY B 178 -0.47 -23.12 -0.15
N PRO B 179 -1.75 -23.20 -0.49
CA PRO B 179 -2.35 -24.52 -0.64
C PRO B 179 -1.72 -25.39 -1.74
N GLU B 180 -1.07 -24.76 -2.70
CA GLU B 180 -0.43 -25.52 -3.77
C GLU B 180 1.05 -25.73 -3.48
N GLY B 181 1.49 -25.35 -2.27
CA GLY B 181 2.83 -25.68 -1.85
C GLY B 181 3.86 -24.59 -2.10
N VAL B 182 3.43 -23.33 -2.17
CA VAL B 182 4.37 -22.23 -2.38
C VAL B 182 4.34 -21.30 -1.16
N ARG B 183 5.51 -20.91 -0.66
CA ARG B 183 5.60 -19.83 0.34
C ARG B 183 6.02 -18.50 -0.30
N VAL B 184 5.65 -17.40 0.38
CA VAL B 184 5.96 -16.05 -0.08
C VAL B 184 6.30 -15.22 1.16
N ASN B 185 7.45 -14.58 1.11
CA ASN B 185 7.95 -13.73 2.21
C ASN B 185 8.63 -12.44 1.71
N ALA B 186 8.94 -11.53 2.63
CA ALA B 186 9.74 -10.34 2.35
C ALA B 186 10.84 -10.28 3.39
N ILE B 187 11.95 -9.65 3.00
CA ILE B 187 12.92 -9.13 3.95
C ILE B 187 12.82 -7.61 3.93
N SER B 188 12.57 -7.03 5.10
CA SER B 188 12.67 -5.60 5.31
C SER B 188 14.11 -5.37 5.71
N ALA B 189 14.90 -4.93 4.73
CA ALA B 189 16.33 -4.69 4.91
C ALA B 189 16.63 -3.32 5.52
N GLY B 190 17.67 -3.24 6.35
CA GLY B 190 18.22 -1.95 6.74
C GLY B 190 18.87 -1.28 5.52
N PRO B 191 19.12 0.03 5.60
CA PRO B 191 19.76 0.69 4.46
C PRO B 191 21.19 0.16 4.21
N ILE B 192 21.55 0.10 2.93
CA ILE B 192 22.77 -0.60 2.54
C ILE B 192 23.90 0.34 2.08
N GLU B 211 22.45 3.85 13.21
CA GLU B 211 23.64 2.98 13.19
C GLU B 211 24.43 2.99 14.51
N ALA B 212 24.67 4.18 15.05
CA ALA B 212 24.94 4.35 16.49
C ALA B 212 23.74 4.00 17.37
N VAL B 213 22.52 3.97 16.80
CA VAL B 213 21.32 3.50 17.51
C VAL B 213 20.70 2.19 16.98
N THR B 214 21.38 1.52 16.05
CA THR B 214 21.09 0.13 15.69
C THR B 214 21.63 -0.80 16.80
N PRO B 215 20.83 -1.78 17.27
CA PRO B 215 21.36 -2.64 18.35
C PRO B 215 22.68 -3.37 18.03
N ILE B 216 22.87 -3.89 16.83
CA ILE B 216 24.19 -4.48 16.48
C ILE B 216 25.29 -3.46 16.16
N ARG B 217 24.98 -2.16 16.23
CA ARG B 217 25.94 -1.06 16.08
C ARG B 217 26.71 -1.03 14.74
N ARG B 218 26.15 -1.61 13.68
CA ARG B 218 26.73 -1.47 12.35
C ARG B 218 25.58 -1.54 11.36
N THR B 219 25.83 -1.09 10.14
CA THR B 219 24.77 -1.29 9.16
C THR B 219 24.87 -2.70 8.61
N VAL B 220 23.74 -3.17 8.09
CA VAL B 220 23.67 -4.49 7.53
C VAL B 220 24.26 -4.43 6.12
N THR B 221 24.77 -5.58 5.70
CA THR B 221 25.47 -5.70 4.43
C THR B 221 24.65 -6.60 3.52
N ILE B 222 24.98 -6.56 2.22
CA ILE B 222 24.30 -7.44 1.27
C ILE B 222 24.64 -8.92 1.56
N GLU B 223 25.76 -9.16 2.22
CA GLU B 223 26.06 -10.49 2.76
C GLU B 223 25.05 -10.93 3.82
N ASP B 224 24.72 -10.07 4.78
CA ASP B 224 23.75 -10.42 5.81
C ASP B 224 22.38 -10.72 5.17
N VAL B 225 21.95 -9.82 4.30
CA VAL B 225 20.66 -9.92 3.61
C VAL B 225 20.66 -11.15 2.73
N GLY B 226 21.78 -11.40 2.06
CA GLY B 226 21.95 -12.62 1.22
C GLY B 226 21.71 -13.91 1.97
N ASN B 227 22.30 -14.00 3.16
CA ASN B 227 22.18 -15.21 3.98
C ASN B 227 20.77 -15.41 4.52
N SER B 228 20.11 -14.33 4.92
CA SER B 228 18.71 -14.46 5.32
C SER B 228 17.81 -14.82 4.11
N ALA B 229 18.12 -14.26 2.95
CA ALA B 229 17.35 -14.58 1.76
C ALA B 229 17.46 -16.04 1.32
N ALA B 230 18.69 -16.58 1.31
CA ALA B 230 18.95 -17.99 1.05
C ALA B 230 18.13 -18.88 1.98
N PHE B 231 18.12 -18.56 3.27
CA PHE B 231 17.31 -19.28 4.24
C PHE B 231 15.82 -19.28 3.85
N LEU B 232 15.30 -18.09 3.60
CA LEU B 232 13.88 -17.86 3.24
C LEU B 232 13.41 -18.55 1.96
N CYS B 233 14.35 -18.84 1.07
CA CYS B 233 14.03 -19.56 -0.18
C CYS B 233 14.34 -21.05 -0.14
N SER B 234 14.86 -21.50 1.00
CA SER B 234 15.26 -22.90 1.17
C SER B 234 14.21 -23.65 1.98
N ASP B 235 14.30 -24.98 2.06
CA ASP B 235 13.37 -25.77 2.86
C ASP B 235 13.63 -25.62 4.36
N LEU B 236 14.75 -25.03 4.76
CA LEU B 236 14.95 -24.68 6.16
C LEU B 236 13.83 -23.76 6.72
N SER B 237 13.13 -23.02 5.86
CA SER B 237 12.15 -22.07 6.36
C SER B 237 10.73 -22.55 6.05
N ALA B 238 10.57 -23.87 5.97
CA ALA B 238 9.29 -24.51 5.62
C ALA B 238 8.10 -24.03 6.48
N GLY B 239 8.38 -23.63 7.72
CA GLY B 239 7.29 -23.12 8.59
C GLY B 239 6.97 -21.62 8.49
N ILE B 240 7.58 -20.91 7.54
CA ILE B 240 7.49 -19.44 7.46
C ILE B 240 6.86 -19.02 6.12
N SER B 241 5.65 -18.44 6.22
CA SER B 241 5.06 -17.81 5.04
C SER B 241 4.22 -16.58 5.38
N GLY B 242 4.20 -15.62 4.45
CA GLY B 242 3.45 -14.38 4.57
C GLY B 242 4.13 -13.41 5.54
N GLU B 243 5.43 -13.58 5.76
CA GLU B 243 6.10 -12.89 6.88
C GLU B 243 7.01 -11.81 6.31
N VAL B 244 7.09 -10.65 6.96
CA VAL B 244 8.08 -9.64 6.63
C VAL B 244 9.17 -9.72 7.71
N VAL B 245 10.33 -10.23 7.34
CA VAL B 245 11.41 -10.48 8.33
C VAL B 245 12.35 -9.26 8.31
N HIS B 246 12.56 -8.63 9.46
CA HIS B 246 13.39 -7.45 9.53
C HIS B 246 14.86 -7.87 9.60
N VAL B 247 15.64 -7.48 8.60
CA VAL B 247 17.07 -7.81 8.56
C VAL B 247 17.75 -6.45 8.56
N ASP B 248 17.62 -5.77 9.71
CA ASP B 248 18.10 -4.41 9.87
C ASP B 248 18.89 -4.22 11.15
N GLY B 249 19.39 -5.31 11.72
CA GLY B 249 20.16 -5.25 12.96
C GLY B 249 19.41 -4.85 14.23
N GLY B 250 18.08 -4.97 14.21
CA GLY B 250 17.22 -4.49 15.29
C GLY B 250 16.84 -3.01 15.29
N PHE B 251 17.18 -2.28 14.24
CA PHE B 251 16.94 -0.84 14.21
C PHE B 251 15.47 -0.51 14.49
N SER B 252 14.55 -1.23 13.84
CA SER B 252 13.13 -0.88 13.93
C SER B 252 12.56 -1.08 15.34
N ILE B 253 13.19 -1.92 16.16
CA ILE B 253 12.60 -2.22 17.47
C ILE B 253 13.15 -1.31 18.56
N ALA B 254 14.10 -0.44 18.23
CA ALA B 254 14.63 0.50 19.21
C ALA B 254 14.01 1.92 19.06
N ALA B 255 14.14 2.75 20.08
CA ALA B 255 13.64 4.12 20.04
C ALA B 255 14.47 5.00 20.96
N MET B 256 14.69 6.25 20.53
CA MET B 256 15.53 7.20 21.26
C MET B 256 16.82 6.59 21.84
N ASN B 257 17.39 5.60 21.15
CA ASN B 257 18.58 4.93 21.66
C ASN B 257 19.69 5.88 22.12
#